data_1WBF
#
_entry.id   1WBF
#
_cell.length_a   99.159
_cell.length_b   75.161
_cell.length_c   95.772
_cell.angle_alpha   90.00
_cell.angle_beta   106.91
_cell.angle_gamma   90.00
#
_symmetry.space_group_name_H-M   'C 1 2 1'
#
loop_
_entity.id
_entity.type
_entity.pdbx_description
1 polymer 'PROTEIN (AGGLUTININ)'
2 non-polymer 2-acetamido-2-deoxy-beta-D-glucopyranose
3 non-polymer 'MANGANESE (II) ION'
4 non-polymer 'CALCIUM ION'
5 water water
#
_entity_poly.entity_id   1
_entity_poly.type   'polypeptide(L)'
_entity_poly.pdbx_seq_one_letter_code
;MKTISFNFNQFHQNEEQLKLQRDARISSNSVLELTKVVNGVPTWNSTGRALYAKPVQVWDSTTGNVASFETRFSFSIRQP
FPRPHPADGLVFFIAPPNTQTGEGGGYFGIYNPLSPYPFVAVEFDTFRNTWDPQIPHIGIDVNSVISTKTVPFTLDNGGI
ANVVIKYDASTKILHVVLVFPSLGTIYTIADIVDLKQVLPESVNVGFSAATGDPSGKQRNATETHDILSWSFSASLPGTN
EF
;
_entity_poly.pdbx_strand_id   A,B
#
loop_
_chem_comp.id
_chem_comp.type
_chem_comp.name
_chem_comp.formula
CA non-polymer 'CALCIUM ION' 'Ca 2'
MN non-polymer 'MANGANESE (II) ION' 'Mn 2'
NAG D-saccharide, beta linking 2-acetamido-2-deoxy-beta-D-glucopyranose 'C8 H15 N O6'
#
# COMPACT_ATOMS: atom_id res chain seq x y z
N LYS A 2 26.67 10.32 -8.29
CA LYS A 2 26.27 11.46 -7.43
C LYS A 2 26.37 11.05 -5.98
N THR A 3 26.92 11.93 -5.14
CA THR A 3 27.06 11.63 -3.73
C THR A 3 26.39 12.71 -2.90
N ILE A 4 25.20 12.43 -2.38
CA ILE A 4 24.52 13.42 -1.56
C ILE A 4 24.93 13.23 -0.11
N SER A 5 25.10 14.33 0.61
CA SER A 5 25.48 14.29 2.02
C SER A 5 24.96 15.50 2.78
N PHE A 6 24.68 15.32 4.06
CA PHE A 6 24.23 16.40 4.92
C PHE A 6 24.48 16.02 6.39
N ASN A 7 24.74 17.00 7.22
CA ASN A 7 25.04 16.72 8.61
C ASN A 7 24.50 17.79 9.54
N PHE A 8 23.89 17.37 10.63
CA PHE A 8 23.34 18.26 11.64
C PHE A 8 23.93 17.83 12.97
N ASN A 9 24.85 18.63 13.50
CA ASN A 9 25.46 18.32 14.80
C ASN A 9 24.47 18.66 15.90
N GLN A 10 23.52 19.53 15.54
CA GLN A 10 22.44 19.98 16.40
C GLN A 10 21.48 20.74 15.49
N PHE A 11 20.21 20.77 15.85
CA PHE A 11 19.26 21.45 15.00
C PHE A 11 19.08 22.87 15.47
N HIS A 12 18.65 23.73 14.56
CA HIS A 12 18.41 25.13 14.87
C HIS A 12 16.99 25.47 14.45
N GLN A 13 16.42 26.53 15.01
CA GLN A 13 15.07 26.93 14.64
C GLN A 13 15.17 27.61 13.28
N ASN A 14 14.16 27.40 12.43
CA ASN A 14 14.13 27.98 11.08
C ASN A 14 15.01 27.24 10.06
N GLU A 15 15.56 26.10 10.46
CA GLU A 15 16.42 25.27 9.60
C GLU A 15 15.76 25.06 8.23
N GLU A 16 16.43 25.50 7.17
CA GLU A 16 15.92 25.41 5.78
C GLU A 16 15.83 24.00 5.21
N GLN A 17 16.85 23.19 5.50
CA GLN A 17 16.94 21.83 5.01
C GLN A 17 16.05 20.80 5.69
N LEU A 18 15.20 21.25 6.59
CA LEU A 18 14.32 20.33 7.28
C LEU A 18 12.88 20.72 7.08
N LYS A 19 12.01 19.70 7.10
CA LYS A 19 10.58 19.89 6.95
C LYS A 19 9.90 19.22 8.12
N LEU A 20 9.39 20.02 9.04
CA LEU A 20 8.70 19.48 10.19
C LEU A 20 7.23 19.30 9.84
N GLN A 21 6.62 18.25 10.39
CA GLN A 21 5.23 17.95 10.15
C GLN A 21 4.51 17.58 11.43
N ARG A 22 3.24 17.98 11.52
CA ARG A 22 2.42 17.72 12.69
C ARG A 22 2.97 18.37 13.97
N ASP A 23 3.14 17.61 15.04
CA ASP A 23 3.62 18.17 16.30
C ASP A 23 5.12 18.45 16.41
N ALA A 24 5.91 17.91 15.48
CA ALA A 24 7.35 18.10 15.50
C ALA A 24 7.74 19.57 15.53
N ARG A 25 8.73 19.90 16.34
CA ARG A 25 9.24 21.27 16.47
C ARG A 25 10.68 21.23 16.97
N ILE A 26 11.42 22.31 16.77
CA ILE A 26 12.79 22.37 17.23
C ILE A 26 12.82 23.28 18.46
N SER A 27 13.33 22.75 19.57
CA SER A 27 13.41 23.50 20.82
C SER A 27 14.57 24.49 20.81
N SER A 28 14.55 25.41 21.77
CA SER A 28 15.59 26.42 21.88
C SER A 28 16.96 25.79 22.14
N ASN A 29 16.95 24.63 22.79
CA ASN A 29 18.16 23.90 23.13
C ASN A 29 18.84 23.18 21.95
N SER A 30 18.24 23.27 20.78
CA SER A 30 18.79 22.61 19.60
C SER A 30 18.44 21.13 19.49
N VAL A 31 17.38 20.71 20.20
CA VAL A 31 16.88 19.35 20.18
C VAL A 31 15.60 19.28 19.35
N LEU A 32 15.51 18.28 18.48
CA LEU A 32 14.35 18.07 17.64
C LEU A 32 13.39 17.17 18.41
N GLU A 33 12.26 17.74 18.81
CA GLU A 33 11.26 16.97 19.53
C GLU A 33 10.20 16.58 18.49
N LEU A 34 10.14 15.30 18.16
CA LEU A 34 9.19 14.77 17.17
C LEU A 34 7.75 14.84 17.67
N THR A 35 7.57 14.59 18.97
CA THR A 35 6.25 14.65 19.58
C THR A 35 6.17 15.81 20.60
N LYS A 36 4.99 16.02 21.15
CA LYS A 36 4.75 17.10 22.11
C LYS A 36 5.21 16.93 23.55
N VAL A 37 5.91 17.95 24.04
CA VAL A 37 6.38 18.01 25.42
C VAL A 37 6.03 19.42 25.92
N VAL A 38 5.14 19.50 26.91
CA VAL A 38 4.77 20.80 27.47
C VAL A 38 5.51 21.04 28.77
N ASN A 39 6.45 21.99 28.77
CA ASN A 39 7.20 22.31 29.98
C ASN A 39 7.69 21.04 30.67
N GLY A 40 8.46 20.22 29.94
CA GLY A 40 9.03 18.99 30.49
C GLY A 40 8.22 17.70 30.62
N VAL A 41 6.92 17.77 30.37
CA VAL A 41 6.08 16.57 30.50
C VAL A 41 5.56 16.15 29.12
N PRO A 42 5.91 14.94 28.66
CA PRO A 42 5.45 14.47 27.34
C PRO A 42 3.93 14.22 27.34
N THR A 43 3.23 14.50 26.23
CA THR A 43 1.78 14.27 26.22
C THR A 43 1.34 13.14 25.31
N TRP A 44 0.26 12.47 25.68
CA TRP A 44 -0.25 11.38 24.85
C TRP A 44 -0.87 12.00 23.59
N ASN A 45 -1.49 11.17 22.76
CA ASN A 45 -2.14 11.62 21.54
C ASN A 45 -1.31 12.62 20.71
N SER A 46 -0.07 12.26 20.42
CA SER A 46 0.81 13.11 19.62
C SER A 46 1.52 12.30 18.54
N THR A 47 1.84 12.95 17.43
CA THR A 47 2.50 12.31 16.29
C THR A 47 3.24 13.43 15.57
N GLY A 48 4.47 13.15 15.13
CA GLY A 48 5.23 14.17 14.43
C GLY A 48 6.29 13.54 13.55
N ARG A 49 6.66 14.24 12.48
CA ARG A 49 7.67 13.75 11.53
C ARG A 49 8.63 14.88 11.15
N ALA A 50 9.82 14.51 10.67
CA ALA A 50 10.82 15.48 10.24
C ALA A 50 11.49 14.89 9.00
N LEU A 51 11.54 15.65 7.91
CA LEU A 51 12.13 15.14 6.66
C LEU A 51 13.20 16.05 6.10
N TYR A 52 14.16 15.50 5.38
CA TYR A 52 15.16 16.36 4.74
C TYR A 52 14.33 16.98 3.60
N ALA A 53 14.39 18.31 3.46
CA ALA A 53 13.58 19.02 2.47
C ALA A 53 13.76 18.71 0.97
N LYS A 54 14.77 17.94 0.63
CA LYS A 54 15.04 17.60 -0.77
C LYS A 54 15.04 16.07 -0.94
N PRO A 55 14.51 15.57 -2.07
CA PRO A 55 14.51 14.12 -2.20
C PRO A 55 15.89 13.65 -2.63
N VAL A 56 16.17 12.38 -2.40
CA VAL A 56 17.44 11.82 -2.78
C VAL A 56 17.07 10.74 -3.80
N GLN A 57 17.96 10.47 -4.75
CA GLN A 57 17.71 9.48 -5.78
C GLN A 57 18.24 8.14 -5.26
N VAL A 58 17.35 7.21 -4.91
CA VAL A 58 17.81 5.91 -4.43
C VAL A 58 18.27 4.96 -5.51
N TRP A 59 17.73 5.10 -6.72
CA TRP A 59 18.14 4.25 -7.84
C TRP A 59 17.81 4.91 -9.17
N ASP A 60 18.37 4.35 -10.25
CA ASP A 60 18.15 4.88 -11.59
C ASP A 60 17.55 3.84 -12.52
N SER A 61 16.48 4.20 -13.24
CA SER A 61 15.83 3.28 -14.17
C SER A 61 16.68 3.12 -15.41
N THR A 62 17.29 4.23 -15.81
CA THR A 62 18.17 4.31 -16.97
C THR A 62 19.30 3.28 -16.91
N THR A 63 20.02 3.28 -15.79
CA THR A 63 21.16 2.39 -15.57
C THR A 63 20.86 1.08 -14.81
N GLY A 64 19.89 1.13 -13.90
CA GLY A 64 19.56 -0.05 -13.10
C GLY A 64 20.38 -0.12 -11.82
N ASN A 65 21.16 0.93 -11.58
CA ASN A 65 22.01 1.02 -10.39
C ASN A 65 21.23 1.50 -9.17
N VAL A 66 21.48 0.88 -8.02
CA VAL A 66 20.85 1.28 -6.76
C VAL A 66 21.91 1.85 -5.81
N ALA A 67 21.62 3.02 -5.25
CA ALA A 67 22.53 3.74 -4.34
C ALA A 67 22.82 3.08 -3.00
N SER A 68 24.02 3.31 -2.48
CA SER A 68 24.40 2.80 -1.17
C SER A 68 24.28 4.01 -0.24
N PHE A 69 24.03 3.79 1.03
CA PHE A 69 23.91 4.91 1.95
C PHE A 69 24.30 4.59 3.38
N GLU A 70 24.61 5.62 4.14
CA GLU A 70 24.96 5.46 5.55
C GLU A 70 24.36 6.64 6.27
N THR A 71 23.71 6.36 7.38
CA THR A 71 23.10 7.40 8.18
C THR A 71 23.43 7.17 9.66
N ARG A 72 23.64 8.26 10.38
CA ARG A 72 23.95 8.17 11.80
C ARG A 72 23.18 9.24 12.55
N PHE A 73 22.65 8.88 13.71
CA PHE A 73 21.89 9.82 14.51
C PHE A 73 21.84 9.36 15.96
N SER A 74 21.58 10.28 16.88
CA SER A 74 21.46 9.93 18.30
C SER A 74 20.08 10.39 18.71
N PHE A 75 19.42 9.64 19.57
CA PHE A 75 18.09 10.03 19.99
C PHE A 75 18.01 9.86 21.48
N SER A 76 16.89 10.31 22.06
CA SER A 76 16.65 10.16 23.48
C SER A 76 15.16 9.90 23.71
N ILE A 77 14.87 8.86 24.47
CA ILE A 77 13.51 8.51 24.81
C ILE A 77 13.45 8.47 26.33
N ARG A 78 12.75 9.43 26.93
CA ARG A 78 12.59 9.49 28.37
C ARG A 78 11.17 9.07 28.73
N GLN A 79 11.06 8.05 29.58
CA GLN A 79 9.78 7.53 29.99
C GLN A 79 9.45 7.89 31.44
N PRO A 80 8.82 9.04 31.65
CA PRO A 80 8.43 9.54 32.97
C PRO A 80 7.40 8.68 33.72
N PHE A 81 6.34 8.25 33.02
CA PHE A 81 5.28 7.43 33.62
C PHE A 81 5.51 5.95 33.32
N PRO A 82 6.25 5.25 34.19
CA PRO A 82 6.57 3.83 34.06
C PRO A 82 5.34 2.97 33.96
N ARG A 83 4.24 3.41 34.55
CA ARG A 83 3.02 2.63 34.50
C ARG A 83 1.85 3.44 33.93
N PRO A 84 0.93 2.76 33.22
CA PRO A 84 0.93 1.31 32.96
C PRO A 84 1.85 0.82 31.81
N HIS A 85 2.21 1.71 30.88
CA HIS A 85 3.06 1.32 29.75
C HIS A 85 3.31 2.49 28.80
N PRO A 86 4.58 2.90 28.64
CA PRO A 86 4.92 4.01 27.73
C PRO A 86 4.60 3.62 26.27
N ALA A 87 4.53 4.61 25.38
CA ALA A 87 4.20 4.38 23.97
C ALA A 87 4.44 5.66 23.14
N ASP A 88 4.65 5.55 21.82
CA ASP A 88 4.68 4.29 21.07
C ASP A 88 6.03 3.93 20.47
N GLY A 89 6.81 4.94 20.08
CA GLY A 89 8.13 4.70 19.53
C GLY A 89 8.47 5.65 18.39
N LEU A 90 9.68 5.54 17.85
CA LEU A 90 10.10 6.39 16.75
C LEU A 90 10.68 5.50 15.65
N VAL A 91 10.80 6.02 14.43
CA VAL A 91 11.34 5.26 13.32
C VAL A 91 12.12 6.15 12.37
N PHE A 92 13.13 5.56 11.72
CA PHE A 92 13.85 6.25 10.64
C PHE A 92 13.11 5.68 9.41
N PHE A 93 12.77 6.50 8.42
CA PHE A 93 12.07 5.93 7.29
C PHE A 93 12.41 6.52 5.92
N ILE A 94 12.18 5.72 4.88
CA ILE A 94 12.38 6.10 3.49
C ILE A 94 11.02 5.81 2.85
N ALA A 95 10.44 6.79 2.18
CA ALA A 95 9.14 6.66 1.54
C ALA A 95 9.05 7.55 0.29
N PRO A 96 8.08 7.31 -0.60
CA PRO A 96 7.98 8.15 -1.79
C PRO A 96 7.75 9.58 -1.36
N PRO A 97 8.10 10.56 -2.21
CA PRO A 97 7.93 11.97 -1.90
C PRO A 97 6.46 12.33 -1.76
N ASN A 98 6.19 13.59 -1.40
CA ASN A 98 4.82 14.10 -1.23
C ASN A 98 3.86 13.19 -0.46
N THR A 99 4.23 12.84 0.77
CA THR A 99 3.38 11.98 1.61
C THR A 99 2.94 12.70 2.88
N GLN A 100 1.74 12.38 3.35
CA GLN A 100 1.19 12.98 4.56
C GLN A 100 1.29 11.98 5.72
N THR A 101 1.31 12.52 6.94
CA THR A 101 1.41 11.72 8.16
C THR A 101 0.34 10.63 8.24
N GLY A 102 0.78 9.38 8.36
CA GLY A 102 -0.16 8.27 8.46
C GLY A 102 -0.82 8.28 9.83
N GLU A 103 -1.29 7.13 10.29
CA GLU A 103 -1.92 7.09 11.60
C GLU A 103 -0.85 7.01 12.69
N GLY A 104 -1.19 7.49 13.88
CA GLY A 104 -0.23 7.45 14.97
C GLY A 104 -0.22 6.14 15.71
N GLY A 105 -0.01 6.20 17.03
CA GLY A 105 0.02 5.00 17.83
C GLY A 105 1.09 4.02 17.39
N GLY A 106 0.71 2.75 17.31
CA GLY A 106 1.64 1.72 16.89
C GLY A 106 2.00 1.74 15.41
N TYR A 107 1.56 2.78 14.70
CA TYR A 107 1.85 2.96 13.26
C TYR A 107 2.91 4.03 13.08
N PHE A 108 3.22 4.75 14.16
CA PHE A 108 4.28 5.77 14.17
C PHE A 108 4.07 7.01 13.31
N GLY A 109 2.91 7.16 12.69
CA GLY A 109 2.69 8.32 11.86
C GLY A 109 3.19 8.10 10.44
N ILE A 110 3.38 6.83 10.07
CA ILE A 110 3.86 6.49 8.74
C ILE A 110 2.98 5.46 8.03
N TYR A 111 2.39 4.55 8.78
CA TYR A 111 1.56 3.51 8.20
C TYR A 111 0.05 3.77 8.27
N ASN A 112 -0.60 3.84 7.11
CA ASN A 112 -2.05 4.01 7.06
C ASN A 112 -2.61 2.83 6.27
N PRO A 113 -3.29 1.92 6.96
CA PRO A 113 -3.90 0.72 6.37
C PRO A 113 -5.01 0.99 5.35
N LEU A 114 -5.64 2.15 5.44
CA LEU A 114 -6.72 2.50 4.51
C LEU A 114 -6.25 3.23 3.25
N SER A 115 -4.97 3.54 3.16
CA SER A 115 -4.42 4.22 1.98
C SER A 115 -2.91 3.92 1.93
N PRO A 116 -2.56 2.63 1.78
CA PRO A 116 -1.17 2.16 1.71
C PRO A 116 -0.32 2.84 0.67
N TYR A 117 0.97 2.93 0.96
CA TYR A 117 1.98 3.48 0.08
C TYR A 117 3.26 2.73 0.47
N PRO A 118 4.21 2.57 -0.46
CA PRO A 118 5.42 1.84 -0.06
C PRO A 118 6.38 2.61 0.86
N PHE A 119 7.05 1.89 1.78
CA PHE A 119 8.01 2.48 2.71
C PHE A 119 8.95 1.45 3.35
N VAL A 120 10.18 1.86 3.63
CA VAL A 120 11.13 1.01 4.33
C VAL A 120 11.46 1.80 5.58
N ALA A 121 11.46 1.17 6.75
CA ALA A 121 11.75 1.91 7.96
C ALA A 121 12.36 1.06 9.06
N VAL A 122 13.15 1.67 9.94
CA VAL A 122 13.73 0.96 11.09
C VAL A 122 13.01 1.52 12.32
N GLU A 123 12.48 0.64 13.17
CA GLU A 123 11.74 1.08 14.34
C GLU A 123 12.35 0.72 15.68
N PHE A 124 12.17 1.63 16.64
CA PHE A 124 12.61 1.46 18.01
C PHE A 124 11.27 1.62 18.69
N ASP A 125 10.69 0.44 18.95
CA ASP A 125 9.35 0.24 19.48
C ASP A 125 9.26 -0.01 20.97
N THR A 126 8.42 0.79 21.62
CA THR A 126 8.23 0.76 23.06
C THR A 126 6.90 0.26 23.58
N PHE A 127 5.95 -0.01 22.69
CA PHE A 127 4.64 -0.50 23.12
C PHE A 127 4.31 -1.83 22.46
N ARG A 128 3.93 -2.84 23.23
CA ARG A 128 3.64 -4.15 22.63
C ARG A 128 2.21 -4.38 22.15
N ASN A 129 1.97 -4.12 20.86
CA ASN A 129 0.67 -4.34 20.24
C ASN A 129 0.48 -5.83 20.04
N THR A 130 -0.67 -6.22 19.49
CA THR A 130 -0.95 -7.64 19.26
C THR A 130 0.01 -8.26 18.24
N TRP A 131 0.46 -7.44 17.28
CA TRP A 131 1.36 -7.89 16.22
C TRP A 131 2.83 -7.67 16.56
N ASP A 132 3.13 -7.52 17.84
CA ASP A 132 4.48 -7.25 18.30
C ASP A 132 5.05 -8.26 19.24
N PRO A 133 6.39 -8.45 19.24
CA PRO A 133 7.08 -9.37 20.14
C PRO A 133 7.47 -8.53 21.38
N GLN A 134 8.06 -9.15 22.39
CA GLN A 134 8.50 -8.47 23.63
C GLN A 134 9.18 -7.13 23.36
N ILE A 135 8.76 -6.08 24.06
CA ILE A 135 9.35 -4.74 23.92
C ILE A 135 10.36 -4.42 25.05
N PRO A 136 11.28 -3.48 24.80
CA PRO A 136 11.45 -2.72 23.56
C PRO A 136 12.22 -3.61 22.57
N HIS A 137 12.15 -3.25 21.30
CA HIS A 137 12.84 -4.00 20.26
C HIS A 137 13.00 -3.11 19.06
N ILE A 138 14.04 -3.38 18.29
CA ILE A 138 14.29 -2.66 17.05
C ILE A 138 13.63 -3.57 16.02
N GLY A 139 13.13 -3.01 14.93
CA GLY A 139 12.54 -3.85 13.92
C GLY A 139 12.73 -3.30 12.53
N ILE A 140 12.91 -4.15 11.54
CA ILE A 140 13.03 -3.66 10.18
C ILE A 140 11.61 -3.80 9.57
N ASP A 141 11.07 -2.73 9.01
CA ASP A 141 9.74 -2.76 8.43
C ASP A 141 9.74 -2.50 6.94
N VAL A 142 9.06 -3.35 6.18
CA VAL A 142 8.93 -3.20 4.73
C VAL A 142 7.43 -3.21 4.44
N ASN A 143 6.92 -2.01 4.16
CA ASN A 143 5.50 -1.72 3.87
C ASN A 143 4.51 -1.95 4.99
N SER A 144 4.98 -2.49 6.11
CA SER A 144 4.10 -2.79 7.23
C SER A 144 4.81 -2.66 8.60
N VAL A 145 4.05 -2.59 9.69
CA VAL A 145 4.66 -2.51 11.02
C VAL A 145 4.80 -3.89 11.64
N ILE A 146 4.63 -4.93 10.85
CA ILE A 146 4.80 -6.30 11.30
C ILE A 146 6.19 -6.60 10.74
N SER A 147 7.19 -6.23 11.52
CA SER A 147 8.60 -6.37 11.17
C SER A 147 9.01 -7.69 10.56
N THR A 148 9.95 -7.61 9.62
CA THR A 148 10.49 -8.80 8.99
C THR A 148 11.47 -9.43 10.00
N LYS A 149 12.31 -8.58 10.61
CA LYS A 149 13.31 -8.97 11.63
C LYS A 149 13.18 -8.13 12.93
N THR A 150 13.33 -8.75 14.11
CA THR A 150 13.31 -7.99 15.38
C THR A 150 14.40 -8.46 16.35
N VAL A 151 14.84 -7.53 17.21
CA VAL A 151 15.85 -7.79 18.25
C VAL A 151 15.45 -6.91 19.46
N PRO A 152 15.29 -7.51 20.64
CA PRO A 152 14.90 -6.66 21.77
C PRO A 152 16.09 -5.93 22.36
N PHE A 153 15.81 -4.78 23.00
CA PHE A 153 16.85 -3.99 23.66
C PHE A 153 16.34 -3.40 24.99
N THR A 154 17.27 -3.00 25.86
CA THR A 154 16.92 -2.40 27.15
C THR A 154 17.23 -0.92 27.03
N LEU A 155 16.19 -0.11 27.08
CA LEU A 155 16.33 1.33 26.93
C LEU A 155 17.06 1.99 28.08
N ASP A 156 17.84 3.02 27.73
CA ASP A 156 18.54 3.84 28.71
C ASP A 156 17.54 4.96 28.83
N ASN A 157 16.69 4.86 29.82
CA ASN A 157 15.64 5.84 30.04
C ASN A 157 16.18 7.26 30.22
N GLY A 158 15.95 8.12 29.23
CA GLY A 158 16.41 9.49 29.28
C GLY A 158 17.83 9.64 28.79
N GLY A 159 18.52 8.50 28.61
CA GLY A 159 19.89 8.50 28.14
C GLY A 159 20.05 8.75 26.66
N ILE A 160 21.29 8.68 26.18
CA ILE A 160 21.60 8.91 24.78
C ILE A 160 21.82 7.58 24.07
N ALA A 161 21.27 7.47 22.86
CA ALA A 161 21.38 6.28 22.04
C ALA A 161 21.98 6.68 20.71
N ASN A 162 22.96 5.92 20.23
CA ASN A 162 23.57 6.23 18.96
C ASN A 162 23.16 5.15 17.97
N VAL A 163 22.88 5.55 16.74
CA VAL A 163 22.46 4.58 15.74
C VAL A 163 23.18 4.74 14.42
N VAL A 164 23.64 3.62 13.87
CA VAL A 164 24.27 3.64 12.55
C VAL A 164 23.46 2.67 11.68
N ILE A 165 23.03 3.10 10.51
CA ILE A 165 22.26 2.25 9.59
C ILE A 165 22.97 2.35 8.26
N LYS A 166 23.43 1.21 7.77
CA LYS A 166 24.13 1.19 6.50
C LYS A 166 23.45 0.26 5.49
N TYR A 167 23.38 0.70 4.24
CA TYR A 167 22.80 -0.11 3.17
C TYR A 167 23.82 -0.27 2.05
N ASP A 168 24.20 -1.53 1.81
CA ASP A 168 25.18 -1.93 0.81
C ASP A 168 24.45 -2.45 -0.46
N ALA A 169 24.48 -1.65 -1.53
CA ALA A 169 23.81 -2.01 -2.78
C ALA A 169 24.18 -3.42 -3.28
N SER A 170 25.47 -3.69 -3.33
CA SER A 170 26.00 -4.97 -3.80
C SER A 170 25.36 -6.21 -3.22
N THR A 171 25.19 -6.23 -1.91
CA THR A 171 24.62 -7.38 -1.21
C THR A 171 23.13 -7.26 -0.84
N LYS A 172 22.60 -6.04 -0.94
CA LYS A 172 21.21 -5.76 -0.57
C LYS A 172 21.06 -5.94 0.94
N ILE A 173 22.15 -5.75 1.69
CA ILE A 173 22.07 -5.90 3.15
C ILE A 173 21.83 -4.57 3.84
N LEU A 174 20.81 -4.54 4.71
CA LEU A 174 20.49 -3.36 5.50
C LEU A 174 20.94 -3.76 6.90
N HIS A 175 22.01 -3.15 7.42
CA HIS A 175 22.48 -3.47 8.78
C HIS A 175 22.31 -2.29 9.73
N VAL A 176 21.79 -2.59 10.92
CA VAL A 176 21.49 -1.59 11.95
C VAL A 176 22.24 -1.74 13.28
N VAL A 177 22.86 -0.66 13.74
CA VAL A 177 23.59 -0.66 15.01
C VAL A 177 22.96 0.31 16.05
N LEU A 178 22.74 -0.21 17.26
CA LEU A 178 22.18 0.61 18.33
C LEU A 178 23.14 0.49 19.53
N VAL A 179 23.67 1.62 20.01
CA VAL A 179 24.60 1.65 21.16
C VAL A 179 24.12 2.63 22.22
N PHE A 180 24.24 2.25 23.49
CA PHE A 180 23.86 3.12 24.62
C PHE A 180 25.16 3.28 25.37
N PRO A 181 25.92 4.33 25.04
CA PRO A 181 27.23 4.62 25.65
C PRO A 181 27.34 4.59 27.17
N SER A 182 26.44 5.24 27.89
CA SER A 182 26.49 5.23 29.36
C SER A 182 26.38 3.81 29.92
N LEU A 183 25.61 2.97 29.24
CA LEU A 183 25.40 1.60 29.67
C LEU A 183 26.46 0.60 29.15
N GLY A 184 27.06 0.90 28.01
CA GLY A 184 28.04 0.00 27.39
C GLY A 184 27.46 -1.09 26.47
N THR A 185 26.12 -1.17 26.39
CA THR A 185 25.40 -2.15 25.59
C THR A 185 25.41 -1.94 24.07
N ILE A 186 25.44 -3.04 23.33
CA ILE A 186 25.49 -3.02 21.86
C ILE A 186 24.47 -3.99 21.28
N TYR A 187 23.65 -3.50 20.35
CA TYR A 187 22.62 -4.31 19.72
C TYR A 187 22.82 -4.27 18.21
N THR A 188 22.71 -5.44 17.59
CA THR A 188 22.93 -5.58 16.15
C THR A 188 21.75 -6.33 15.44
N ILE A 189 21.33 -5.85 14.26
CA ILE A 189 20.23 -6.47 13.51
C ILE A 189 20.39 -6.24 12.00
N ALA A 190 20.17 -7.29 11.19
CA ALA A 190 20.29 -7.18 9.72
C ALA A 190 19.29 -8.01 8.88
N ASP A 191 19.08 -7.58 7.64
CA ASP A 191 18.16 -8.26 6.73
C ASP A 191 18.40 -7.83 5.28
N ILE A 192 18.01 -8.67 4.33
CA ILE A 192 18.16 -8.35 2.91
C ILE A 192 16.91 -7.59 2.46
N VAL A 193 17.14 -6.43 1.85
CA VAL A 193 16.06 -5.60 1.37
C VAL A 193 16.45 -5.01 0.03
N ASP A 194 15.73 -5.40 -1.01
CA ASP A 194 15.99 -4.87 -2.35
C ASP A 194 15.18 -3.60 -2.55
N LEU A 195 15.80 -2.45 -2.37
CA LEU A 195 15.14 -1.15 -2.52
C LEU A 195 14.41 -0.91 -3.86
N LYS A 196 14.79 -1.65 -4.91
CA LYS A 196 14.19 -1.49 -6.23
C LYS A 196 12.76 -2.02 -6.39
N GLN A 197 12.49 -3.17 -5.82
CA GLN A 197 11.16 -3.79 -5.92
C GLN A 197 10.11 -3.12 -5.04
N VAL A 198 10.59 -2.34 -4.07
CA VAL A 198 9.76 -1.64 -3.09
C VAL A 198 9.50 -0.14 -3.36
N LEU A 199 10.56 0.62 -3.58
CA LEU A 199 10.47 2.06 -3.73
C LEU A 199 10.68 2.69 -5.10
N PRO A 200 10.14 3.90 -5.30
CA PRO A 200 10.29 4.59 -6.58
C PRO A 200 11.70 5.22 -6.67
N GLU A 201 12.08 5.71 -7.84
CA GLU A 201 13.39 6.30 -8.05
C GLU A 201 13.86 7.36 -7.03
N SER A 202 12.94 8.21 -6.59
CA SER A 202 13.28 9.25 -5.62
C SER A 202 12.46 9.08 -4.37
N VAL A 203 13.08 9.38 -3.24
CA VAL A 203 12.39 9.24 -1.97
C VAL A 203 12.70 10.41 -1.03
N ASN A 204 12.05 10.36 0.13
CA ASN A 204 12.22 11.33 1.21
C ASN A 204 12.76 10.49 2.34
N VAL A 205 13.65 11.07 3.14
CA VAL A 205 14.18 10.38 4.30
C VAL A 205 13.89 11.27 5.52
N GLY A 206 13.67 10.66 6.67
CA GLY A 206 13.39 11.43 7.87
C GLY A 206 12.98 10.56 9.03
N PHE A 207 12.32 11.13 10.03
CA PHE A 207 11.90 10.35 11.18
C PHE A 207 10.43 10.58 11.48
N SER A 208 9.84 9.65 12.22
CA SER A 208 8.45 9.76 12.64
C SER A 208 8.31 9.14 14.04
N ALA A 209 7.44 9.72 14.86
CA ALA A 209 7.23 9.23 16.21
C ALA A 209 5.78 9.41 16.62
N ALA A 210 5.35 8.62 17.60
CA ALA A 210 3.98 8.69 18.08
C ALA A 210 3.92 8.38 19.56
N THR A 211 2.96 8.97 20.26
CA THR A 211 2.73 8.70 21.68
C THR A 211 1.33 8.05 21.76
N GLY A 212 1.03 7.34 22.85
CA GLY A 212 -0.25 6.65 22.99
C GLY A 212 -1.47 7.27 22.33
N ASP A 213 -2.38 6.47 21.81
CA ASP A 213 -3.58 7.05 21.19
C ASP A 213 -4.63 7.18 22.28
N PRO A 214 -5.43 8.28 22.27
CA PRO A 214 -6.46 8.49 23.29
C PRO A 214 -7.49 7.36 23.37
N SER A 215 -7.64 6.62 22.30
CA SER A 215 -8.57 5.48 22.26
C SER A 215 -8.14 4.37 23.22
N GLY A 216 -7.00 4.55 23.88
CA GLY A 216 -6.51 3.55 24.82
C GLY A 216 -6.98 3.88 26.21
N LYS A 217 -7.35 5.14 26.42
CA LYS A 217 -7.85 5.62 27.71
C LYS A 217 -6.79 5.66 28.83
N GLN A 218 -5.51 5.58 28.45
CA GLN A 218 -4.43 5.64 29.42
C GLN A 218 -3.52 6.81 29.04
N ARG A 219 -3.56 7.87 29.84
CA ARG A 219 -2.76 9.06 29.56
C ARG A 219 -1.28 8.91 29.92
N ASN A 220 -0.96 7.91 30.75
CA ASN A 220 0.41 7.65 31.17
C ASN A 220 1.16 6.77 30.17
N ALA A 221 0.62 6.67 28.96
CA ALA A 221 1.22 5.88 27.89
C ALA A 221 1.83 6.92 26.97
N THR A 222 3.03 7.36 27.32
CA THR A 222 3.72 8.37 26.57
C THR A 222 5.19 8.39 26.99
N GLU A 223 5.98 9.20 26.29
CA GLU A 223 7.41 9.34 26.51
C GLU A 223 7.88 10.41 25.51
N THR A 224 9.14 10.82 25.60
CA THR A 224 9.63 11.80 24.65
C THR A 224 10.32 11.00 23.52
N HIS A 225 10.54 11.64 22.38
CA HIS A 225 11.20 11.01 21.23
C HIS A 225 11.98 12.15 20.60
N ASP A 226 13.15 12.46 21.16
CA ASP A 226 13.99 13.55 20.69
C ASP A 226 15.18 13.06 19.87
N ILE A 227 15.54 13.82 18.83
CA ILE A 227 16.67 13.50 17.96
C ILE A 227 17.69 14.59 18.26
N LEU A 228 18.95 14.22 18.44
CA LEU A 228 19.99 15.16 18.80
C LEU A 228 20.86 15.60 17.62
N SER A 229 21.23 14.66 16.77
CA SER A 229 22.07 14.95 15.61
C SER A 229 21.75 13.96 14.49
N TRP A 230 22.06 14.34 13.26
CA TRP A 230 21.77 13.49 12.12
C TRP A 230 22.58 13.82 10.89
N SER A 231 23.22 12.81 10.32
CA SER A 231 23.98 12.97 9.09
C SER A 231 23.57 11.83 8.17
N PHE A 232 23.67 12.07 6.87
CA PHE A 232 23.31 11.08 5.87
C PHE A 232 24.23 11.21 4.65
N SER A 233 24.53 10.09 4.03
CA SER A 233 25.38 10.11 2.86
C SER A 233 24.93 8.96 1.96
N ALA A 234 24.90 9.20 0.66
CA ALA A 234 24.51 8.17 -0.29
C ALA A 234 25.25 8.35 -1.60
N SER A 235 25.59 7.23 -2.24
CA SER A 235 26.30 7.28 -3.50
C SER A 235 25.62 6.45 -4.61
N LEU A 236 25.29 7.12 -5.70
CA LEU A 236 24.66 6.50 -6.87
C LEU A 236 25.68 6.65 -7.99
N PRO A 237 26.44 5.57 -8.29
CA PRO A 237 27.46 5.58 -9.34
C PRO A 237 26.91 6.01 -10.72
N GLY A 238 25.92 5.27 -11.20
CA GLY A 238 25.31 5.61 -12.47
C GLY A 238 24.09 6.47 -12.24
N LYS B 2 -20.76 17.26 -11.67
CA LYS B 2 -20.13 16.58 -12.82
C LYS B 2 -20.83 15.25 -13.04
N THR B 3 -20.76 14.74 -14.27
CA THR B 3 -21.39 13.47 -14.63
C THR B 3 -20.72 12.86 -15.86
N ILE B 4 -19.68 12.06 -15.63
CA ILE B 4 -18.98 11.40 -16.72
C ILE B 4 -19.87 10.21 -17.10
N SER B 5 -19.79 9.78 -18.35
CA SER B 5 -20.59 8.67 -18.85
C SER B 5 -20.01 8.07 -20.13
N PHE B 6 -19.98 6.75 -20.21
CA PHE B 6 -19.49 6.08 -21.40
C PHE B 6 -20.15 4.70 -21.55
N ASN B 7 -20.16 4.17 -22.76
CA ASN B 7 -20.81 2.90 -23.02
C ASN B 7 -20.19 2.19 -24.21
N PHE B 8 -19.99 0.88 -24.10
CA PHE B 8 -19.43 0.05 -25.17
C PHE B 8 -20.35 -1.14 -25.38
N ASN B 9 -21.06 -1.18 -26.50
CA ASN B 9 -21.94 -2.31 -26.78
C ASN B 9 -21.08 -3.55 -27.11
N GLN B 10 -19.91 -3.27 -27.69
CA GLN B 10 -18.91 -4.27 -28.08
C GLN B 10 -17.63 -3.46 -28.33
N PHE B 11 -16.48 -4.11 -28.25
CA PHE B 11 -15.22 -3.41 -28.44
C PHE B 11 -14.71 -3.50 -29.85
N HIS B 12 -14.30 -2.35 -30.39
CA HIS B 12 -13.79 -2.26 -31.74
C HIS B 12 -12.27 -2.06 -31.69
N GLN B 13 -11.54 -2.80 -32.52
CA GLN B 13 -10.08 -2.68 -32.55
C GLN B 13 -9.70 -1.23 -32.83
N ASN B 14 -8.71 -0.74 -32.08
CA ASN B 14 -8.20 0.63 -32.17
C ASN B 14 -9.01 1.60 -31.29
N GLU B 15 -9.82 1.04 -30.38
CA GLU B 15 -10.64 1.82 -29.46
C GLU B 15 -9.73 2.84 -28.78
N GLU B 16 -9.99 4.12 -29.06
CA GLU B 16 -9.20 5.24 -28.52
C GLU B 16 -9.46 5.55 -27.04
N GLN B 17 -10.69 5.31 -26.58
CA GLN B 17 -11.09 5.57 -25.22
C GLN B 17 -10.68 4.48 -24.26
N LEU B 18 -10.15 3.38 -24.78
CA LEU B 18 -9.70 2.28 -23.94
C LEU B 18 -8.19 2.35 -23.89
N LYS B 19 -7.57 1.58 -23.01
CA LYS B 19 -6.13 1.58 -22.88
C LYS B 19 -5.77 0.20 -22.41
N LEU B 20 -5.33 -0.66 -23.33
CA LEU B 20 -4.99 -2.03 -22.95
C LEU B 20 -3.56 -2.11 -22.42
N GLN B 21 -3.31 -3.09 -21.54
CA GLN B 21 -1.98 -3.28 -20.96
C GLN B 21 -1.66 -4.77 -20.90
N ARG B 22 -0.39 -5.11 -21.07
CA ARG B 22 0.04 -6.50 -21.03
C ARG B 22 -0.62 -7.36 -22.14
N ASP B 23 -1.18 -8.51 -21.79
CA ASP B 23 -1.78 -9.43 -22.76
C ASP B 23 -3.16 -9.06 -23.33
N ALA B 24 -3.91 -8.23 -22.61
CA ALA B 24 -5.24 -7.81 -23.02
C ALA B 24 -5.34 -7.32 -24.45
N ARG B 25 -6.37 -7.74 -25.16
CA ARG B 25 -6.54 -7.32 -26.54
C ARG B 25 -7.97 -7.49 -27.00
N ILE B 26 -8.34 -6.78 -28.07
CA ILE B 26 -9.68 -6.83 -28.62
C ILE B 26 -9.63 -7.70 -29.88
N SER B 27 -10.48 -8.72 -29.92
CA SER B 27 -10.51 -9.63 -31.04
C SER B 27 -11.38 -9.11 -32.18
N SER B 28 -11.40 -9.87 -33.27
CA SER B 28 -12.15 -9.55 -34.48
C SER B 28 -13.66 -9.54 -34.27
N ASN B 29 -14.14 -10.43 -33.42
CA ASN B 29 -15.56 -10.53 -33.12
C ASN B 29 -16.03 -9.39 -32.21
N SER B 30 -15.10 -8.52 -31.82
CA SER B 30 -15.43 -7.39 -30.95
C SER B 30 -15.48 -7.68 -29.45
N VAL B 31 -14.78 -8.73 -29.04
CA VAL B 31 -14.70 -9.13 -27.64
C VAL B 31 -13.38 -8.61 -27.09
N LEU B 32 -13.35 -8.23 -25.82
CA LEU B 32 -12.12 -7.76 -25.21
C LEU B 32 -11.59 -8.91 -24.36
N GLU B 33 -10.57 -9.59 -24.85
CA GLU B 33 -9.98 -10.71 -24.12
C GLU B 33 -8.89 -10.24 -23.17
N LEU B 34 -9.14 -10.32 -21.87
CA LEU B 34 -8.19 -9.87 -20.85
C LEU B 34 -6.92 -10.71 -20.77
N THR B 35 -7.07 -12.03 -20.93
CA THR B 35 -5.91 -12.90 -20.90
C THR B 35 -5.80 -13.70 -22.21
N LYS B 36 -4.58 -14.18 -22.48
CA LYS B 36 -4.25 -14.94 -23.68
C LYS B 36 -5.02 -16.20 -24.02
N VAL B 37 -5.45 -16.27 -25.28
CA VAL B 37 -6.17 -17.43 -25.86
C VAL B 37 -5.60 -17.53 -27.27
N VAL B 38 -4.93 -18.62 -27.59
CA VAL B 38 -4.38 -18.77 -28.93
C VAL B 38 -5.25 -19.76 -29.71
N ASN B 39 -5.91 -19.27 -30.76
CA ASN B 39 -6.75 -20.14 -31.57
C ASN B 39 -7.74 -20.89 -30.68
N GLY B 40 -8.44 -20.17 -29.80
CA GLY B 40 -9.43 -20.78 -28.94
C GLY B 40 -8.98 -21.50 -27.67
N VAL B 41 -7.68 -21.66 -27.47
CA VAL B 41 -7.21 -22.34 -26.27
C VAL B 41 -6.60 -21.32 -25.31
N PRO B 42 -7.21 -21.16 -24.12
CA PRO B 42 -6.67 -20.20 -23.15
C PRO B 42 -5.38 -20.72 -22.53
N THR B 43 -4.33 -19.91 -22.50
CA THR B 43 -3.07 -20.35 -21.90
C THR B 43 -2.81 -19.76 -20.52
N TRP B 44 -2.05 -20.52 -19.73
CA TRP B 44 -1.63 -20.17 -18.36
C TRP B 44 -0.64 -19.00 -18.46
N ASN B 45 -0.03 -18.64 -17.33
CA ASN B 45 0.97 -17.56 -17.25
C ASN B 45 0.58 -16.28 -18.01
N SER B 46 -0.69 -15.89 -17.89
CA SER B 46 -1.16 -14.69 -18.59
C SER B 46 -1.72 -13.62 -17.66
N THR B 47 -1.53 -12.36 -18.03
CA THR B 47 -2.02 -11.22 -17.26
C THR B 47 -2.33 -10.09 -18.24
N GLY B 48 -3.48 -9.44 -18.09
CA GLY B 48 -3.87 -8.37 -18.98
C GLY B 48 -4.80 -7.40 -18.28
N ARG B 49 -4.86 -6.16 -18.78
CA ARG B 49 -5.67 -5.09 -18.19
C ARG B 49 -6.25 -4.17 -19.25
N ALA B 50 -7.44 -3.63 -19.00
CA ALA B 50 -8.06 -2.70 -19.92
C ALA B 50 -8.55 -1.54 -19.05
N LEU B 51 -8.11 -0.33 -19.34
CA LEU B 51 -8.51 0.82 -18.53
C LEU B 51 -9.13 1.90 -19.40
N TYR B 52 -10.08 2.65 -18.84
CA TYR B 52 -10.70 3.74 -19.57
C TYR B 52 -9.63 4.85 -19.63
N ALA B 53 -9.39 5.37 -20.84
CA ALA B 53 -8.38 6.40 -21.11
C ALA B 53 -8.34 7.62 -20.18
N LYS B 54 -9.46 8.29 -20.00
CA LYS B 54 -9.53 9.48 -19.17
C LYS B 54 -9.81 9.16 -17.68
N PRO B 55 -9.17 9.89 -16.77
CA PRO B 55 -9.38 9.66 -15.33
C PRO B 55 -10.70 10.26 -14.85
N VAL B 56 -11.38 9.56 -13.93
CA VAL B 56 -12.64 10.06 -13.41
C VAL B 56 -12.43 10.61 -12.00
N GLN B 57 -13.12 11.70 -11.68
CA GLN B 57 -13.00 12.35 -10.38
C GLN B 57 -14.02 11.76 -9.41
N VAL B 58 -13.57 10.89 -8.51
CA VAL B 58 -14.46 10.26 -7.54
C VAL B 58 -14.88 11.12 -6.36
N TRP B 59 -14.19 12.23 -6.12
CA TRP B 59 -14.55 13.14 -5.03
C TRP B 59 -13.90 14.52 -5.10
N ASP B 60 -14.30 15.42 -4.20
CA ASP B 60 -13.76 16.77 -4.15
C ASP B 60 -13.29 17.15 -2.74
N SER B 61 -12.08 17.67 -2.65
CA SER B 61 -11.50 18.06 -1.35
C SER B 61 -12.07 19.39 -0.86
N THR B 62 -12.31 20.32 -1.78
CA THR B 62 -12.82 21.64 -1.46
C THR B 62 -14.23 21.58 -0.85
N THR B 63 -15.09 20.77 -1.44
CA THR B 63 -16.46 20.61 -0.96
C THR B 63 -16.58 19.43 0.01
N GLY B 64 -15.87 18.34 -0.29
CA GLY B 64 -15.92 17.13 0.52
C GLY B 64 -16.92 16.11 -0.05
N ASN B 65 -17.48 16.42 -1.21
CA ASN B 65 -18.45 15.58 -1.89
C ASN B 65 -17.88 14.37 -2.61
N VAL B 66 -18.51 13.21 -2.41
CA VAL B 66 -18.09 12.00 -3.09
C VAL B 66 -19.18 11.62 -4.11
N ALA B 67 -18.75 11.12 -5.26
CA ALA B 67 -19.65 10.74 -6.35
C ALA B 67 -20.37 9.39 -6.20
N SER B 68 -21.53 9.29 -6.83
CA SER B 68 -22.31 8.06 -6.85
C SER B 68 -22.04 7.51 -8.26
N PHE B 69 -21.96 6.20 -8.41
CA PHE B 69 -21.72 5.63 -9.73
C PHE B 69 -22.40 4.30 -9.94
N GLU B 70 -22.54 3.95 -11.21
CA GLU B 70 -23.15 2.69 -11.61
C GLU B 70 -22.36 2.20 -12.79
N THR B 71 -22.15 0.90 -12.84
CA THR B 71 -21.43 0.33 -13.96
C THR B 71 -22.02 -1.04 -14.20
N ARG B 72 -22.21 -1.37 -15.47
CA ARG B 72 -22.76 -2.67 -15.85
C ARG B 72 -21.90 -3.26 -16.97
N PHE B 73 -21.67 -4.56 -16.92
CA PHE B 73 -20.88 -5.18 -17.95
C PHE B 73 -21.28 -6.65 -18.04
N SER B 74 -20.82 -7.32 -19.10
CA SER B 74 -21.10 -8.74 -19.29
C SER B 74 -19.76 -9.41 -19.51
N PHE B 75 -19.53 -10.55 -18.89
CA PHE B 75 -18.27 -11.22 -19.11
C PHE B 75 -18.57 -12.65 -19.47
N SER B 76 -17.54 -13.42 -19.72
CA SER B 76 -17.70 -14.82 -20.04
C SER B 76 -16.41 -15.49 -19.59
N ILE B 77 -16.54 -16.55 -18.81
CA ILE B 77 -15.40 -17.31 -18.35
C ILE B 77 -15.64 -18.74 -18.78
N ARG B 78 -14.79 -19.23 -19.68
CA ARG B 78 -14.88 -20.60 -20.20
C ARG B 78 -13.75 -21.41 -19.64
N GLN B 79 -14.07 -22.49 -18.95
CA GLN B 79 -13.07 -23.34 -18.36
C GLN B 79 -13.02 -24.66 -19.13
N PRO B 80 -12.07 -24.77 -20.09
CA PRO B 80 -11.85 -25.94 -20.96
C PRO B 80 -11.27 -27.12 -20.21
N PHE B 81 -10.39 -26.85 -19.25
CA PHE B 81 -9.75 -27.90 -18.46
C PHE B 81 -10.36 -27.93 -17.07
N PRO B 82 -11.33 -28.82 -16.85
CA PRO B 82 -11.95 -28.89 -15.54
C PRO B 82 -11.00 -29.37 -14.44
N ARG B 83 -9.90 -30.01 -14.83
CA ARG B 83 -8.93 -30.51 -13.85
C ARG B 83 -7.52 -30.10 -14.27
N PRO B 84 -6.63 -29.88 -13.29
CA PRO B 84 -6.86 -29.97 -11.85
C PRO B 84 -7.63 -28.80 -11.23
N HIS B 85 -7.55 -27.61 -11.84
CA HIS B 85 -8.24 -26.42 -11.32
C HIS B 85 -8.02 -25.17 -12.16
N PRO B 86 -9.10 -24.60 -12.70
CA PRO B 86 -9.03 -23.39 -13.52
C PRO B 86 -8.62 -22.19 -12.61
N ALA B 87 -8.12 -21.10 -13.20
CA ALA B 87 -7.65 -19.95 -12.42
C ALA B 87 -7.38 -18.79 -13.37
N ASP B 88 -7.29 -17.55 -12.89
CA ASP B 88 -7.46 -17.18 -11.48
C ASP B 88 -8.67 -16.31 -11.23
N GLY B 89 -9.17 -15.64 -12.27
CA GLY B 89 -10.32 -14.80 -12.09
C GLY B 89 -10.14 -13.43 -12.71
N LEU B 90 -11.17 -12.59 -12.59
CA LEU B 90 -11.14 -11.24 -13.12
C LEU B 90 -11.69 -10.29 -12.07
N VAL B 91 -11.43 -9.00 -12.24
CA VAL B 91 -11.89 -8.00 -11.30
C VAL B 91 -12.19 -6.70 -12.00
N PHE B 92 -13.16 -5.96 -11.43
CA PHE B 92 -13.46 -4.60 -11.88
C PHE B 92 -12.69 -3.86 -10.78
N PHE B 93 -12.02 -2.77 -11.08
CA PHE B 93 -11.29 -2.13 -10.01
C PHE B 93 -11.13 -0.64 -10.26
N ILE B 94 -10.91 0.09 -9.16
CA ILE B 94 -10.72 1.53 -9.18
C ILE B 94 -9.39 1.76 -8.48
N ALA B 95 -8.43 2.36 -9.16
CA ALA B 95 -7.11 2.62 -8.57
C ALA B 95 -6.61 4.01 -8.91
N PRO B 96 -5.52 4.45 -8.27
CA PRO B 96 -4.98 5.79 -8.55
C PRO B 96 -4.45 5.87 -9.98
N PRO B 97 -4.48 7.05 -10.60
CA PRO B 97 -3.96 7.14 -11.98
C PRO B 97 -2.54 6.60 -12.14
N ASN B 98 -2.15 6.37 -13.40
CA ASN B 98 -0.84 5.81 -13.77
C ASN B 98 -0.41 4.59 -12.96
N THR B 99 -1.30 3.61 -12.85
CA THR B 99 -0.98 2.39 -12.12
C THR B 99 -0.30 1.38 -13.03
N GLN B 100 0.45 0.46 -12.44
CA GLN B 100 1.15 -0.54 -13.22
C GLN B 100 0.67 -1.94 -12.86
N THR B 101 0.61 -2.80 -13.88
CA THR B 101 0.16 -4.19 -13.74
C THR B 101 0.95 -4.92 -12.65
N GLY B 102 0.30 -5.13 -11.51
CA GLY B 102 0.93 -5.81 -10.41
C GLY B 102 1.10 -7.28 -10.67
N GLU B 103 1.19 -8.04 -9.59
CA GLU B 103 1.37 -9.48 -9.68
C GLU B 103 0.17 -10.18 -10.30
N GLY B 104 0.45 -11.27 -11.00
CA GLY B 104 -0.59 -12.04 -11.63
C GLY B 104 -1.08 -13.11 -10.68
N GLY B 105 -1.59 -14.21 -11.21
CA GLY B 105 -2.09 -15.27 -10.36
C GLY B 105 -3.29 -14.79 -9.55
N GLY B 106 -3.35 -15.19 -8.28
CA GLY B 106 -4.44 -14.79 -7.41
C GLY B 106 -4.46 -13.33 -6.99
N TYR B 107 -3.59 -12.52 -7.61
CA TYR B 107 -3.51 -11.08 -7.33
C TYR B 107 -4.17 -10.31 -8.46
N PHE B 108 -4.63 -11.04 -9.49
CA PHE B 108 -5.37 -10.49 -10.65
C PHE B 108 -4.73 -9.39 -11.47
N GLY B 109 -3.46 -9.13 -11.25
CA GLY B 109 -2.79 -8.08 -11.99
C GLY B 109 -3.02 -6.73 -11.36
N ILE B 110 -3.52 -6.71 -10.13
CA ILE B 110 -3.80 -5.47 -9.41
C ILE B 110 -3.01 -5.32 -8.12
N TYR B 111 -3.00 -6.36 -7.30
CA TYR B 111 -2.29 -6.33 -6.05
C TYR B 111 -0.79 -6.61 -6.28
N ASN B 112 0.06 -5.95 -5.49
CA ASN B 112 1.51 -6.09 -5.54
C ASN B 112 2.01 -5.86 -4.12
N PRO B 113 2.23 -6.93 -3.37
CA PRO B 113 2.69 -6.89 -1.98
C PRO B 113 3.98 -6.08 -1.69
N LEU B 114 4.92 -6.08 -2.62
CA LEU B 114 6.18 -5.36 -2.46
C LEU B 114 6.10 -3.86 -2.74
N SER B 115 5.03 -3.41 -3.38
CA SER B 115 4.91 -2.00 -3.68
C SER B 115 3.44 -1.59 -3.67
N PRO B 116 2.78 -1.70 -2.49
CA PRO B 116 1.36 -1.36 -2.31
C PRO B 116 0.93 0.05 -2.71
N TYR B 117 -0.34 0.13 -3.09
CA TYR B 117 -0.99 1.38 -3.46
C TYR B 117 -2.48 1.14 -3.18
N PRO B 118 -3.27 2.22 -3.04
CA PRO B 118 -4.68 1.97 -2.77
C PRO B 118 -5.56 1.60 -3.98
N PHE B 119 -6.54 0.73 -3.74
CA PHE B 119 -7.50 0.31 -4.78
C PHE B 119 -8.76 -0.29 -4.14
N VAL B 120 -9.88 -0.20 -4.84
CA VAL B 120 -11.15 -0.81 -4.42
C VAL B 120 -11.54 -1.74 -5.59
N ALA B 121 -11.86 -3.00 -5.33
CA ALA B 121 -12.18 -3.90 -6.45
C ALA B 121 -13.23 -4.97 -6.16
N VAL B 122 -13.89 -5.46 -7.20
CA VAL B 122 -14.88 -6.53 -7.06
C VAL B 122 -14.30 -7.67 -7.90
N GLU B 123 -14.05 -8.79 -7.26
CA GLU B 123 -13.46 -9.91 -7.95
C GLU B 123 -14.50 -10.97 -8.19
N PHE B 124 -14.20 -11.85 -9.14
CA PHE B 124 -15.01 -12.99 -9.50
C PHE B 124 -13.86 -13.96 -9.52
N ASP B 125 -13.73 -14.65 -8.41
CA ASP B 125 -12.62 -15.53 -8.16
C ASP B 125 -12.90 -16.98 -8.46
N THR B 126 -11.99 -17.56 -9.22
CA THR B 126 -12.12 -18.94 -9.62
C THR B 126 -11.11 -19.91 -9.03
N PHE B 127 -10.08 -19.40 -8.36
CA PHE B 127 -9.07 -20.27 -7.77
C PHE B 127 -8.98 -20.09 -6.24
N ARG B 128 -9.05 -21.17 -5.47
CA ARG B 128 -9.01 -21.04 -4.02
C ARG B 128 -7.62 -20.98 -3.39
N ASN B 129 -7.10 -19.76 -3.20
CA ASN B 129 -5.80 -19.55 -2.56
C ASN B 129 -5.93 -19.83 -1.06
N THR B 130 -4.84 -19.70 -0.31
CA THR B 130 -4.92 -19.96 1.14
C THR B 130 -5.79 -18.94 1.92
N TRP B 131 -5.88 -17.73 1.40
CA TRP B 131 -6.65 -16.67 2.02
C TRP B 131 -8.10 -16.63 1.53
N ASP B 132 -8.42 -17.50 0.58
CA ASP B 132 -9.75 -17.58 -0.01
C ASP B 132 -10.66 -18.64 0.58
N PRO B 133 -11.99 -18.41 0.53
CA PRO B 133 -13.02 -19.33 1.00
C PRO B 133 -13.47 -20.08 -0.28
N GLN B 134 -14.30 -21.11 -0.15
CA GLN B 134 -14.81 -21.91 -1.29
C GLN B 134 -15.00 -21.11 -2.58
N ILE B 135 -14.58 -21.67 -3.72
CA ILE B 135 -14.71 -21.00 -5.02
C ILE B 135 -15.78 -21.66 -5.93
N PRO B 136 -16.33 -20.90 -6.90
CA PRO B 136 -16.01 -19.49 -7.17
C PRO B 136 -16.85 -18.62 -6.23
N HIS B 137 -16.47 -17.35 -6.05
CA HIS B 137 -17.20 -16.42 -5.18
C HIS B 137 -16.95 -15.03 -5.65
N ILE B 138 -17.92 -14.15 -5.40
CA ILE B 138 -17.77 -12.72 -5.73
C ILE B 138 -17.14 -12.16 -4.45
N GLY B 139 -16.34 -11.11 -4.56
CA GLY B 139 -15.74 -10.56 -3.37
C GLY B 139 -15.41 -9.09 -3.46
N ILE B 140 -15.60 -8.37 -2.36
CA ILE B 140 -15.25 -6.95 -2.33
C ILE B 140 -13.84 -6.82 -1.72
N ASP B 141 -12.97 -6.13 -2.44
CA ASP B 141 -11.58 -5.96 -2.04
C ASP B 141 -11.21 -4.52 -1.76
N VAL B 142 -10.69 -4.24 -0.58
CA VAL B 142 -10.25 -2.90 -0.26
C VAL B 142 -8.77 -2.99 0.05
N ASN B 143 -7.96 -2.46 -0.85
CA ASN B 143 -6.49 -2.43 -0.74
C ASN B 143 -5.77 -3.78 -0.66
N SER B 144 -6.51 -4.88 -0.73
CA SER B 144 -5.92 -6.20 -0.60
C SER B 144 -6.79 -7.31 -1.22
N VAL B 145 -6.23 -8.49 -1.49
CA VAL B 145 -7.02 -9.58 -2.04
C VAL B 145 -7.68 -10.47 -1.00
N ILE B 146 -7.73 -10.00 0.25
CA ILE B 146 -8.41 -10.75 1.31
C ILE B 146 -9.69 -9.95 1.45
N SER B 147 -10.71 -10.40 0.73
CA SER B 147 -12.00 -9.73 0.71
C SER B 147 -12.64 -9.42 2.06
N THR B 148 -13.25 -8.24 2.14
CA THR B 148 -13.93 -7.82 3.35
C THR B 148 -15.22 -8.65 3.48
N LYS B 149 -15.89 -8.84 2.35
CA LYS B 149 -17.14 -9.60 2.29
C LYS B 149 -17.17 -10.47 1.01
N THR B 150 -17.67 -11.72 1.11
CA THR B 150 -17.77 -12.62 -0.07
C THR B 150 -19.08 -13.41 -0.15
N VAL B 151 -19.38 -13.95 -1.32
CA VAL B 151 -20.57 -14.78 -1.57
C VAL B 151 -20.23 -15.82 -2.67
N PRO B 152 -20.61 -17.10 -2.49
CA PRO B 152 -20.30 -18.09 -3.53
C PRO B 152 -21.27 -18.11 -4.69
N PHE B 153 -20.79 -18.57 -5.84
CA PHE B 153 -21.63 -18.66 -7.01
C PHE B 153 -21.21 -19.84 -7.89
N THR B 154 -22.17 -20.38 -8.63
CA THR B 154 -21.93 -21.49 -9.51
C THR B 154 -21.87 -20.91 -10.91
N LEU B 155 -20.70 -21.01 -11.53
CA LEU B 155 -20.47 -20.43 -12.85
C LEU B 155 -21.14 -21.14 -14.03
N ASP B 156 -21.70 -20.35 -14.93
CA ASP B 156 -22.27 -20.90 -16.14
C ASP B 156 -21.03 -20.95 -17.02
N ASN B 157 -20.38 -22.10 -17.04
CA ASN B 157 -19.15 -22.29 -17.80
C ASN B 157 -19.34 -21.98 -19.27
N GLY B 158 -18.60 -20.99 -19.76
CA GLY B 158 -18.71 -20.63 -21.16
C GLY B 158 -19.88 -19.73 -21.47
N GLY B 159 -20.76 -19.54 -20.49
CA GLY B 159 -21.93 -18.68 -20.68
C GLY B 159 -21.73 -17.20 -20.44
N ILE B 160 -22.82 -16.44 -20.55
CA ILE B 160 -22.79 -14.99 -20.36
C ILE B 160 -23.26 -14.63 -18.95
N ALA B 161 -22.57 -13.67 -18.35
CA ALA B 161 -22.88 -13.18 -17.01
C ALA B 161 -23.09 -11.68 -17.08
N ASN B 162 -24.16 -11.21 -16.45
CA ASN B 162 -24.48 -9.79 -16.42
C ASN B 162 -24.17 -9.31 -15.02
N VAL B 163 -23.45 -8.20 -14.91
CA VAL B 163 -23.10 -7.67 -13.60
C VAL B 163 -23.49 -6.21 -13.42
N VAL B 164 -24.08 -5.90 -12.27
CA VAL B 164 -24.44 -4.51 -11.97
C VAL B 164 -23.74 -4.12 -10.65
N ILE B 165 -23.00 -3.02 -10.68
CA ILE B 165 -22.26 -2.48 -9.52
C ILE B 165 -22.65 -1.00 -9.31
N LYS B 166 -23.24 -0.75 -8.16
CA LYS B 166 -23.72 0.58 -7.78
C LYS B 166 -23.07 1.06 -6.47
N TYR B 167 -22.74 2.34 -6.43
CA TYR B 167 -22.17 2.94 -5.24
C TYR B 167 -23.03 4.17 -4.90
N ASP B 168 -23.59 4.15 -3.71
CA ASP B 168 -24.41 5.25 -3.22
C ASP B 168 -23.60 6.05 -2.19
N ALA B 169 -23.07 7.20 -2.62
CA ALA B 169 -22.26 8.08 -1.77
C ALA B 169 -22.96 8.38 -0.45
N SER B 170 -24.27 8.68 -0.54
CA SER B 170 -25.10 9.00 0.63
C SER B 170 -25.13 7.95 1.72
N THR B 171 -24.75 6.73 1.40
CA THR B 171 -24.77 5.68 2.41
C THR B 171 -23.47 4.89 2.42
N LYS B 172 -22.63 5.16 1.43
CA LYS B 172 -21.36 4.44 1.28
C LYS B 172 -21.64 2.96 1.08
N ILE B 173 -22.79 2.63 0.51
CA ILE B 173 -23.13 1.23 0.25
C ILE B 173 -22.63 0.91 -1.15
N LEU B 174 -21.79 -0.12 -1.28
CA LEU B 174 -21.33 -0.58 -2.59
C LEU B 174 -22.15 -1.84 -2.80
N HIS B 175 -23.12 -1.82 -3.75
CA HIS B 175 -23.90 -3.05 -3.98
C HIS B 175 -23.62 -3.75 -5.30
N VAL B 176 -23.49 -5.08 -5.24
CA VAL B 176 -23.14 -5.89 -6.39
C VAL B 176 -24.18 -6.93 -6.77
N VAL B 177 -24.48 -6.99 -8.07
CA VAL B 177 -25.46 -7.96 -8.62
C VAL B 177 -24.88 -8.80 -9.77
N LEU B 178 -24.94 -10.12 -9.63
CA LEU B 178 -24.46 -11.01 -10.67
C LEU B 178 -25.57 -11.96 -11.11
N VAL B 179 -25.93 -11.89 -12.38
CA VAL B 179 -26.99 -12.76 -12.93
C VAL B 179 -26.51 -13.64 -14.09
N PHE B 180 -26.86 -14.92 -14.07
CA PHE B 180 -26.52 -15.83 -15.17
C PHE B 180 -27.85 -16.07 -15.88
N PRO B 181 -28.19 -15.26 -16.90
CA PRO B 181 -29.44 -15.35 -17.68
C PRO B 181 -29.89 -16.75 -18.12
N SER B 182 -28.99 -17.52 -18.72
CA SER B 182 -29.34 -18.86 -19.17
C SER B 182 -29.81 -19.72 -18.02
N LEU B 183 -29.25 -19.51 -16.84
CA LEU B 183 -29.61 -20.32 -15.68
C LEU B 183 -30.71 -19.72 -14.81
N GLY B 184 -30.89 -18.40 -14.90
CA GLY B 184 -31.89 -17.72 -14.09
C GLY B 184 -31.43 -17.43 -12.66
N THR B 185 -30.15 -17.67 -12.36
CA THR B 185 -29.60 -17.45 -11.03
C THR B 185 -29.23 -16.01 -10.69
N ILE B 186 -29.43 -15.64 -9.43
CA ILE B 186 -29.14 -14.30 -8.94
C ILE B 186 -28.36 -14.35 -7.63
N TYR B 187 -27.19 -13.72 -7.63
CA TYR B 187 -26.30 -13.64 -6.48
C TYR B 187 -26.14 -12.16 -6.20
N THR B 188 -26.23 -11.80 -4.92
CA THR B 188 -26.12 -10.39 -4.52
C THR B 188 -25.17 -10.20 -3.31
N ILE B 189 -24.45 -9.08 -3.27
CA ILE B 189 -23.53 -8.83 -2.17
C ILE B 189 -23.32 -7.34 -1.97
N ALA B 190 -23.20 -6.89 -0.72
CA ALA B 190 -22.99 -5.47 -0.38
C ALA B 190 -22.15 -5.24 0.88
N ASP B 191 -21.54 -4.06 0.95
CA ASP B 191 -20.68 -3.70 2.07
C ASP B 191 -20.56 -2.18 2.12
N ILE B 192 -20.12 -1.68 3.26
CA ILE B 192 -19.94 -0.24 3.47
C ILE B 192 -18.50 0.07 3.10
N VAL B 193 -18.33 1.01 2.17
CA VAL B 193 -17.02 1.41 1.71
C VAL B 193 -16.99 2.91 1.50
N ASP B 194 -16.12 3.60 2.22
CA ASP B 194 -15.99 5.06 2.09
C ASP B 194 -14.79 5.38 1.20
N LEU B 195 -15.08 5.75 -0.04
CA LEU B 195 -14.06 6.04 -1.04
C LEU B 195 -13.09 7.15 -0.68
N LYS B 196 -13.48 8.04 0.24
CA LYS B 196 -12.63 9.15 0.66
C LYS B 196 -11.45 8.75 1.55
N GLN B 197 -11.65 7.72 2.37
CA GLN B 197 -10.60 7.23 3.26
C GLN B 197 -9.59 6.36 2.53
N VAL B 198 -9.92 5.94 1.31
CA VAL B 198 -9.06 5.06 0.54
C VAL B 198 -8.38 5.62 -0.71
N LEU B 199 -9.15 6.27 -1.57
CA LEU B 199 -8.63 6.76 -2.86
C LEU B 199 -8.44 8.26 -3.05
N PRO B 200 -7.65 8.63 -4.07
CA PRO B 200 -7.43 10.07 -4.33
C PRO B 200 -8.63 10.65 -5.09
N GLU B 201 -8.66 11.95 -5.27
CA GLU B 201 -9.76 12.62 -5.97
C GLU B 201 -10.03 12.10 -7.39
N SER B 202 -8.97 11.70 -8.10
CA SER B 202 -9.11 11.18 -9.45
C SER B 202 -8.46 9.82 -9.54
N VAL B 203 -9.20 8.87 -10.11
CA VAL B 203 -8.76 7.49 -10.27
C VAL B 203 -8.97 7.04 -11.72
N ASN B 204 -8.59 5.79 -11.99
CA ASN B 204 -8.77 5.15 -13.29
C ASN B 204 -9.67 3.98 -12.96
N VAL B 205 -10.63 3.68 -13.84
CA VAL B 205 -11.56 2.57 -13.68
C VAL B 205 -11.33 1.57 -14.82
N GLY B 206 -11.40 0.28 -14.53
CA GLY B 206 -11.21 -0.73 -15.58
C GLY B 206 -11.29 -2.15 -15.10
N PHE B 207 -10.73 -3.07 -15.88
CA PHE B 207 -10.73 -4.49 -15.53
C PHE B 207 -9.32 -5.07 -15.51
N SER B 208 -9.18 -6.23 -14.87
CA SER B 208 -7.91 -6.92 -14.79
C SER B 208 -8.20 -8.42 -14.58
N ALA B 209 -7.36 -9.28 -15.13
CA ALA B 209 -7.55 -10.72 -15.02
C ALA B 209 -6.22 -11.41 -15.18
N ALA B 210 -6.14 -12.63 -14.70
CA ALA B 210 -4.92 -13.39 -14.82
C ALA B 210 -5.21 -14.90 -14.87
N THR B 211 -4.36 -15.67 -15.54
CA THR B 211 -4.54 -17.11 -15.59
C THR B 211 -3.45 -17.67 -14.69
N GLY B 212 -3.53 -18.96 -14.36
CA GLY B 212 -2.53 -19.58 -13.50
C GLY B 212 -1.10 -19.08 -13.63
N ASP B 213 -0.32 -19.20 -12.56
CA ASP B 213 1.08 -18.76 -12.60
C ASP B 213 1.92 -20.02 -12.79
N PRO B 214 2.97 -19.96 -13.62
CA PRO B 214 3.82 -21.12 -13.86
C PRO B 214 4.43 -21.71 -12.59
N SER B 215 4.35 -20.95 -11.50
CA SER B 215 4.85 -21.35 -10.20
C SER B 215 4.05 -22.52 -9.60
N GLY B 216 2.84 -22.74 -10.13
CA GLY B 216 2.02 -23.83 -9.65
C GLY B 216 2.38 -25.12 -10.38
N LYS B 217 3.10 -24.97 -11.49
CA LYS B 217 3.55 -26.10 -12.32
C LYS B 217 2.36 -26.93 -12.80
N GLN B 218 1.34 -26.24 -13.29
CA GLN B 218 0.14 -26.91 -13.80
C GLN B 218 -0.44 -26.11 -14.96
N ARG B 219 0.01 -26.45 -16.16
CA ARG B 219 -0.44 -25.75 -17.36
C ARG B 219 -1.95 -25.70 -17.57
N ASN B 220 -2.69 -26.59 -16.91
CA ASN B 220 -4.16 -26.62 -17.04
C ASN B 220 -4.90 -25.54 -16.23
N ALA B 221 -4.21 -24.85 -15.34
CA ALA B 221 -4.85 -23.79 -14.54
C ALA B 221 -4.97 -22.56 -15.41
N THR B 222 -6.02 -22.54 -16.22
CA THR B 222 -6.33 -21.46 -17.13
C THR B 222 -7.83 -21.46 -17.48
N GLU B 223 -8.27 -20.37 -18.10
CA GLU B 223 -9.65 -20.19 -18.53
C GLU B 223 -9.63 -18.89 -19.34
N THR B 224 -10.77 -18.53 -19.92
CA THR B 224 -10.82 -17.29 -20.68
C THR B 224 -11.36 -16.24 -19.72
N HIS B 225 -11.17 -14.96 -20.06
CA HIS B 225 -11.66 -13.86 -19.22
C HIS B 225 -11.99 -12.76 -20.22
N ASP B 226 -13.15 -12.90 -20.86
CA ASP B 226 -13.60 -11.96 -21.88
C ASP B 226 -14.65 -10.98 -21.37
N ILE B 227 -14.64 -9.78 -21.93
CA ILE B 227 -15.60 -8.72 -21.58
C ILE B 227 -16.38 -8.41 -22.86
N LEU B 228 -17.69 -8.61 -22.81
CA LEU B 228 -18.57 -8.40 -23.96
C LEU B 228 -19.02 -6.94 -24.19
N SER B 229 -19.34 -6.23 -23.10
CA SER B 229 -19.79 -4.83 -23.13
C SER B 229 -19.55 -4.13 -21.78
N TRP B 230 -19.66 -2.80 -21.76
CA TRP B 230 -19.40 -2.04 -20.53
C TRP B 230 -19.88 -0.59 -20.55
N SER B 231 -20.75 -0.25 -19.61
CA SER B 231 -21.25 1.12 -19.48
C SER B 231 -20.89 1.64 -18.09
N PHE B 232 -20.65 2.94 -17.99
CA PHE B 232 -20.27 3.53 -16.73
C PHE B 232 -20.81 4.94 -16.63
N SER B 233 -21.35 5.26 -15.46
CA SER B 233 -21.89 6.59 -15.21
C SER B 233 -21.56 6.98 -13.78
N ALA B 234 -21.03 8.17 -13.61
CA ALA B 234 -20.67 8.68 -12.29
C ALA B 234 -21.17 10.10 -12.19
N SER B 235 -21.58 10.50 -11.00
CA SER B 235 -22.08 11.86 -10.80
C SER B 235 -21.55 12.49 -9.51
N LEU B 236 -20.72 13.53 -9.68
CA LEU B 236 -20.16 14.24 -8.54
C LEU B 236 -20.93 15.56 -8.43
N PRO B 237 -21.85 15.66 -7.46
CA PRO B 237 -22.64 16.87 -7.27
C PRO B 237 -21.77 18.10 -7.01
N GLY B 238 -20.77 17.92 -6.14
CA GLY B 238 -19.86 19.01 -5.83
C GLY B 238 -18.59 18.96 -6.66
C1 NAG C . 0.33 6.72 35.97
C2 NAG C . 0.18 5.66 37.03
C3 NAG C . -0.25 6.48 38.27
C4 NAG C . 1.09 7.19 38.70
C5 NAG C . 1.40 8.25 37.52
C6 NAG C . 2.74 8.97 37.58
C7 NAG C . -1.82 4.63 35.96
C8 NAG C . -2.54 3.32 35.74
N2 NAG C . -0.70 4.53 36.69
O3 NAG C . -0.90 5.68 39.28
O4 NAG C . 1.02 7.75 40.02
O5 NAG C . 1.43 7.58 36.27
O6 NAG C . 3.74 8.01 37.70
O7 NAG C . -2.22 5.68 35.49
C1 NAG D . -5.75 14.31 19.85
C2 NAG D . -6.92 15.24 20.28
C3 NAG D . -7.91 15.03 19.10
C4 NAG D . -7.22 15.69 17.83
C5 NAG D . -5.74 15.08 17.56
C6 NAG D . -4.82 15.90 16.59
C7 NAG D . -8.02 13.87 22.07
C8 NAG D . -8.39 13.84 23.55
N2 NAG D . -7.38 14.97 21.65
O3 NAG D . -9.19 15.61 19.40
O4 NAG D . -8.03 15.50 16.68
O5 NAG D . -5.03 14.96 18.80
O6 NAG D . -3.91 16.82 17.20
O7 NAG D . -8.30 12.94 21.34
MN MN E . 7.00 -3.31 16.48
CA CA F . 4.35 -1.45 18.93
C1 NAG G . -4.88 -31.53 -17.87
C2 NAG G . -4.91 -32.82 -17.09
C3 NAG G . -4.75 -33.92 -18.23
C4 NAG G . -6.17 -33.90 -18.97
C5 NAG G . -6.29 -32.45 -19.64
C6 NAG G . -7.63 -32.14 -20.30
C7 NAG G . -4.27 -33.01 -14.76
C8 NAG G . -3.22 -32.99 -13.69
N2 NAG G . -3.91 -32.79 -16.03
O3 NAG G . -4.32 -35.26 -17.85
O4 NAG G . -6.31 -34.98 -19.92
O5 NAG G . -6.08 -31.41 -18.66
O6 NAG G . -8.74 -32.39 -19.45
O7 NAG G . -5.43 -33.20 -14.43
C1 NAG H . 5.45 -16.79 -18.19
C2 NAG H . 6.87 -17.25 -18.45
C3 NAG H . 7.83 -16.10 -18.08
C4 NAG H . 7.46 -14.87 -18.93
C5 NAG H . 5.95 -14.47 -18.62
C6 NAG H . 5.31 -13.27 -19.32
C7 NAG H . 6.70 -19.61 -18.04
C8 NAG H . 7.15 -20.81 -17.24
N2 NAG H . 7.25 -18.46 -17.72
O3 NAG H . 9.20 -16.47 -18.28
O4 NAG H . 8.37 -13.83 -18.60
O5 NAG H . 5.17 -15.59 -18.91
O6 NAG H . 4.90 -13.57 -20.64
O7 NAG H . 5.84 -19.72 -18.91
MN MN I . -11.05 -14.16 -3.53
CA CA J . -8.05 -16.88 -5.53
#